data_6OVA
#
_entry.id   6OVA
#
_cell.length_a   48.073
_cell.length_b   48.073
_cell.length_c   475.025
_cell.angle_alpha   90.000
_cell.angle_beta   90.000
_cell.angle_gamma   120.000
#
_symmetry.space_group_name_H-M   'P 61 2 2'
#
loop_
_entity.id
_entity.type
_entity.pdbx_description
1 polymer 'Non-receptor tyrosine-protein kinase TYK2'
2 non-polymer 6-({4-[(3S)-3-cyano-3-cyclopropyl-2-oxopyrrolidin-1-yl]pyridin-2-yl}amino)-N,N-dimethylpyridine-3-carboxamide
3 water water
#
_entity_poly.entity_id   1
_entity_poly.type   'polypeptide(L)'
_entity_poly.pdbx_seq_one_letter_code
;MGSPASDPTVFHKRYLKKIRDLGEGHFGKVSLYCYDPTNDGTGEMVAVKALKADCGPQHRSGWKQEIDILRTLYHEHIIK
YKGCCEDQGEKSLQLVMEYVPLGSLRDYLPRHSIGLAQLLLFAQQICEGMAYLHSQHYIHRNLAARNVLLDNDRLVKIGD
FGLAKAVPEGHEYYRVREDGDSPVFWYAPECLKEYKFYYASDVWSFGVTLYELLTHCDSSQSPPTKFLELIGIAQGQMTV
LRLTELLERGERLPRPDKCPCEVYHLMKNCWETEASFRPTFENLIPILKTVHEKYHHHHHH
;
_entity_poly.pdbx_strand_id   A
#
loop_
_chem_comp.id
_chem_comp.type
_chem_comp.name
_chem_comp.formula
N9G non-polymer 6-({4-[(3S)-3-cyano-3-cyclopropyl-2-oxopyrrolidin-1-yl]pyridin-2-yl}amino)-N,N-dimethylpyridine-3-carboxamide 'C21 H22 N6 O2'
#
# COMPACT_ATOMS: atom_id res chain seq x y z
N ASP A 7 2.79 10.80 -29.00
CA ASP A 7 2.13 10.36 -27.70
C ASP A 7 3.20 9.99 -26.67
N PRO A 8 3.41 10.81 -25.61
CA PRO A 8 4.51 10.57 -24.67
C PRO A 8 4.16 9.52 -23.62
N THR A 9 3.06 8.80 -23.87
CA THR A 9 2.60 7.66 -23.10
C THR A 9 3.17 6.37 -23.70
N VAL A 10 3.88 6.52 -24.82
CA VAL A 10 4.33 5.37 -25.56
C VAL A 10 5.86 5.37 -25.48
N PHE A 11 6.39 4.39 -24.77
CA PHE A 11 7.82 4.33 -24.55
C PHE A 11 8.43 3.35 -25.56
N HIS A 12 9.53 3.79 -26.18
CA HIS A 12 10.16 2.94 -27.17
C HIS A 12 11.35 2.22 -26.56
N LYS A 13 11.37 0.90 -26.73
CA LYS A 13 12.46 0.05 -26.29
C LYS A 13 13.82 0.68 -26.62
N ARG A 14 13.95 1.32 -27.80
CA ARG A 14 15.23 1.80 -28.32
C ARG A 14 15.81 2.96 -27.51
N TYR A 15 15.00 3.57 -26.64
CA TYR A 15 15.45 4.72 -25.88
C TYR A 15 15.51 4.39 -24.39
N LEU A 16 15.37 3.10 -24.06
CA LEU A 16 15.27 2.63 -22.69
C LEU A 16 16.53 1.86 -22.32
N LYS A 17 17.28 2.37 -21.34
CA LYS A 17 18.50 1.73 -20.90
C LYS A 17 18.43 1.48 -19.39
N LYS A 18 18.69 0.22 -18.99
CA LYS A 18 18.58 -0.26 -17.62
C LYS A 18 19.77 0.20 -16.76
N ILE A 19 19.49 0.48 -15.49
CA ILE A 19 20.49 0.90 -14.53
C ILE A 19 20.53 -0.12 -13.40
N ARG A 20 19.48 -0.17 -12.59
CA ARG A 20 19.45 -0.96 -11.37
C ARG A 20 18.15 -1.78 -11.34
N ASP A 21 18.20 -2.95 -10.70
CA ASP A 21 16.99 -3.59 -10.22
C ASP A 21 16.49 -2.81 -9.00
N LEU A 22 15.17 -2.70 -8.85
CA LEU A 22 14.61 -1.88 -7.80
C LEU A 22 13.86 -2.77 -6.82
N GLY A 23 13.80 -4.06 -7.15
CA GLY A 23 13.10 -5.02 -6.34
C GLY A 23 11.81 -5.49 -6.99
N GLU A 24 10.94 -6.13 -6.22
CA GLU A 24 9.85 -6.86 -6.81
C GLU A 24 8.52 -6.32 -6.30
N GLY A 25 7.55 -6.24 -7.21
CA GLY A 25 6.18 -5.92 -6.86
C GLY A 25 5.31 -7.14 -7.10
N HIS A 26 4.03 -7.02 -6.75
CA HIS A 26 3.09 -8.11 -6.95
C HIS A 26 2.87 -8.30 -8.45
N PHE A 27 3.27 -9.48 -8.95
CA PHE A 27 3.12 -9.87 -10.34
C PHE A 27 4.13 -9.20 -11.28
N GLY A 28 5.31 -8.75 -10.80
CA GLY A 28 6.38 -8.38 -11.73
C GLY A 28 7.54 -7.63 -11.08
N LYS A 29 8.75 -7.81 -11.63
CA LYS A 29 9.95 -7.12 -11.17
C LYS A 29 9.86 -5.64 -11.53
N VAL A 30 10.48 -4.80 -10.72
CA VAL A 30 10.58 -3.38 -11.02
C VAL A 30 12.05 -2.97 -11.20
N SER A 31 12.34 -2.17 -12.23
CA SER A 31 13.68 -1.66 -12.47
C SER A 31 13.71 -0.16 -12.77
N LEU A 32 14.89 0.44 -12.55
CA LEU A 32 15.18 1.82 -12.88
C LEU A 32 15.74 1.84 -14.30
N TYR A 33 15.16 2.69 -15.17
CA TYR A 33 15.63 2.85 -16.54
C TYR A 33 15.92 4.32 -16.82
N CYS A 34 16.92 4.57 -17.66
CA CYS A 34 17.07 5.86 -18.30
C CYS A 34 16.22 5.91 -19.56
N TYR A 35 15.43 6.99 -19.71
CA TYR A 35 14.66 7.22 -20.91
C TYR A 35 15.14 8.47 -21.61
N ASP A 36 15.75 8.27 -22.78
CA ASP A 36 16.46 9.31 -23.49
C ASP A 36 15.99 9.34 -24.95
N PRO A 37 14.72 9.74 -25.23
CA PRO A 37 14.21 9.76 -26.60
C PRO A 37 14.98 10.68 -27.55
N THR A 38 15.56 11.78 -27.03
CA THR A 38 16.29 12.73 -27.87
C THR A 38 17.79 12.44 -27.85
N ASN A 39 18.18 11.33 -27.19
CA ASN A 39 19.57 10.89 -27.16
C ASN A 39 20.49 12.02 -26.72
N ASP A 40 20.19 12.64 -25.58
CA ASP A 40 20.92 13.82 -25.16
C ASP A 40 21.98 13.45 -24.14
N GLY A 41 22.02 12.18 -23.74
CA GLY A 41 23.01 11.69 -22.80
C GLY A 41 22.61 11.90 -21.34
N THR A 42 21.46 12.52 -21.06
CA THR A 42 20.98 12.67 -19.69
C THR A 42 19.64 11.96 -19.54
N GLY A 43 18.68 12.33 -20.38
CA GLY A 43 17.37 11.71 -20.42
C GLY A 43 16.62 11.95 -19.11
N GLU A 44 15.81 10.96 -18.73
CA GLU A 44 14.86 10.97 -17.62
C GLU A 44 14.92 9.60 -16.94
N MET A 45 14.93 9.61 -15.60
CA MET A 45 14.85 8.39 -14.80
C MET A 45 13.41 7.92 -14.71
N VAL A 46 13.18 6.61 -14.95
CA VAL A 46 11.84 6.05 -14.76
C VAL A 46 11.94 4.68 -14.11
N ALA A 47 10.84 4.27 -13.46
CA ALA A 47 10.61 2.93 -12.92
C ALA A 47 9.71 2.16 -13.88
N VAL A 48 10.13 0.91 -14.19
CA VAL A 48 9.43 0.06 -15.16
C VAL A 48 9.09 -1.28 -14.50
N LYS A 49 7.83 -1.70 -14.56
CA LYS A 49 7.46 -3.00 -14.04
C LYS A 49 7.07 -3.93 -15.18
N ALA A 50 7.69 -5.12 -15.19
CA ALA A 50 7.44 -6.13 -16.20
C ALA A 50 6.21 -6.93 -15.83
N LEU A 51 5.18 -6.89 -16.68
CA LEU A 51 3.92 -7.59 -16.42
C LEU A 51 3.76 -8.77 -17.37
N LYS A 52 2.89 -9.72 -16.98
CA LYS A 52 2.56 -10.90 -17.77
C LYS A 52 3.86 -11.63 -18.11
N SER A 61 -5.76 -13.68 -16.07
CA SER A 61 -6.94 -12.87 -16.50
C SER A 61 -7.18 -11.72 -15.53
N GLY A 62 -6.99 -10.50 -16.04
CA GLY A 62 -6.89 -9.30 -15.21
C GLY A 62 -5.42 -8.90 -15.01
N TRP A 63 -4.52 -9.45 -15.82
CA TRP A 63 -3.07 -9.25 -15.71
C TRP A 63 -2.69 -7.81 -16.06
N LYS A 64 -3.54 -7.12 -16.83
CA LYS A 64 -3.30 -5.75 -17.24
C LYS A 64 -4.09 -4.76 -16.38
N GLN A 65 -4.78 -5.25 -15.33
CA GLN A 65 -5.68 -4.43 -14.54
C GLN A 65 -4.91 -3.34 -13.78
N GLU A 66 -3.68 -3.68 -13.35
CA GLU A 66 -2.81 -2.71 -12.72
C GLU A 66 -2.62 -1.49 -13.62
N ILE A 67 -2.36 -1.72 -14.91
CA ILE A 67 -2.19 -0.62 -15.86
C ILE A 67 -3.48 0.17 -15.98
N ASP A 68 -4.60 -0.51 -16.21
CA ASP A 68 -5.87 0.13 -16.51
C ASP A 68 -6.26 1.00 -15.33
N ILE A 69 -6.07 0.50 -14.11
CA ILE A 69 -6.41 1.25 -12.92
C ILE A 69 -5.50 2.47 -12.77
N LEU A 70 -4.17 2.25 -12.78
CA LEU A 70 -3.22 3.31 -12.48
C LEU A 70 -3.26 4.41 -13.54
N ARG A 71 -3.43 4.04 -14.82
CA ARG A 71 -3.57 5.00 -15.90
C ARG A 71 -4.57 6.10 -15.54
N THR A 72 -5.55 5.80 -14.66
CA THR A 72 -6.74 6.62 -14.49
C THR A 72 -6.69 7.42 -13.19
N LEU A 73 -5.53 7.35 -12.51
CA LEU A 73 -5.33 7.96 -11.19
C LEU A 73 -4.32 9.10 -11.26
N TYR A 74 -4.71 10.24 -10.70
CA TYR A 74 -3.85 11.41 -10.68
C TYR A 74 -4.05 12.13 -9.34
N HIS A 75 -3.00 12.10 -8.52
CA HIS A 75 -3.02 12.64 -7.17
C HIS A 75 -1.59 12.63 -6.64
N GLU A 76 -1.28 13.52 -5.69
CA GLU A 76 0.10 13.79 -5.32
C GLU A 76 0.64 12.67 -4.45
N HIS A 77 -0.26 11.80 -3.96
CA HIS A 77 0.11 10.77 -3.01
C HIS A 77 -0.06 9.36 -3.60
N ILE A 78 -0.25 9.29 -4.93
CA ILE A 78 -0.24 8.03 -5.66
C ILE A 78 0.89 8.07 -6.67
N ILE A 79 1.62 6.95 -6.82
CA ILE A 79 2.69 6.85 -7.81
C ILE A 79 2.14 7.19 -9.19
N LYS A 80 2.82 8.10 -9.90
CA LYS A 80 2.37 8.63 -11.19
C LYS A 80 2.70 7.66 -12.33
N TYR A 81 1.66 7.24 -13.05
CA TYR A 81 1.73 6.53 -14.32
C TYR A 81 2.36 7.41 -15.41
N LYS A 82 3.29 6.84 -16.19
CA LYS A 82 3.93 7.59 -17.27
C LYS A 82 3.56 7.06 -18.66
N GLY A 83 3.44 5.74 -18.79
CA GLY A 83 3.05 5.12 -20.04
C GLY A 83 3.38 3.62 -20.03
N CYS A 84 3.40 3.00 -21.21
CA CYS A 84 3.80 1.61 -21.36
C CYS A 84 4.79 1.49 -22.51
N CYS A 85 5.42 0.33 -22.54
CA CYS A 85 6.22 -0.16 -23.65
C CYS A 85 5.67 -1.52 -24.08
N GLU A 86 5.16 -1.58 -25.32
CA GLU A 86 4.68 -2.79 -25.97
C GLU A 86 5.86 -3.75 -26.19
N SER A 92 3.08 -9.97 -22.57
CA SER A 92 4.36 -9.32 -22.15
C SER A 92 4.33 -7.81 -22.43
N LEU A 93 4.21 -7.03 -21.35
CA LEU A 93 3.96 -5.61 -21.38
C LEU A 93 4.81 -4.97 -20.29
N GLN A 94 5.23 -3.70 -20.51
CA GLN A 94 5.98 -2.99 -19.48
C GLN A 94 5.23 -1.73 -19.04
N LEU A 95 4.99 -1.61 -17.72
CA LEU A 95 4.34 -0.45 -17.12
C LEU A 95 5.42 0.51 -16.68
N VAL A 96 5.24 1.81 -17.00
CA VAL A 96 6.27 2.81 -16.79
C VAL A 96 5.72 3.91 -15.86
N MET A 97 6.40 4.12 -14.72
CA MET A 97 5.96 5.05 -13.68
C MET A 97 7.07 6.01 -13.25
N GLU A 98 6.68 7.05 -12.50
CA GLU A 98 7.68 7.92 -11.88
C GLU A 98 8.58 7.06 -10.99
N TYR A 99 9.87 7.41 -11.05
CA TYR A 99 10.85 6.89 -10.12
C TYR A 99 10.70 7.65 -8.82
N VAL A 100 10.60 6.90 -7.72
CA VAL A 100 10.48 7.54 -6.42
C VAL A 100 11.74 7.22 -5.62
N PRO A 101 12.65 8.20 -5.45
CA PRO A 101 14.05 7.90 -5.14
C PRO A 101 14.31 7.28 -3.77
N LEU A 102 13.62 7.74 -2.73
CA LEU A 102 13.89 7.24 -1.39
C LEU A 102 13.39 5.81 -1.19
N GLY A 103 12.44 5.35 -2.01
CA GLY A 103 11.94 3.98 -1.93
C GLY A 103 10.88 3.79 -0.84
N SER A 104 10.69 2.52 -0.41
CA SER A 104 9.56 2.12 0.42
C SER A 104 9.78 2.49 1.87
N LEU A 105 8.69 2.84 2.55
CA LEU A 105 8.72 3.16 3.97
C LEU A 105 9.30 2.00 4.77
N ARG A 106 9.20 0.77 4.23
CA ARG A 106 9.58 -0.43 4.96
C ARG A 106 11.10 -0.52 5.04
N ASP A 107 11.80 0.04 4.05
CA ASP A 107 13.25 -0.03 4.00
C ASP A 107 13.80 1.28 4.53
N TYR A 108 12.97 2.34 4.51
CA TYR A 108 13.40 3.66 4.94
C TYR A 108 13.41 3.71 6.47
N LEU A 109 12.26 3.48 7.10
CA LEU A 109 12.12 3.77 8.51
C LEU A 109 13.20 3.09 9.36
N PRO A 110 13.58 1.80 9.16
CA PRO A 110 14.55 1.15 10.07
C PRO A 110 15.94 1.79 10.05
N ARG A 111 16.16 2.74 9.14
CA ARG A 111 17.49 3.21 8.80
C ARG A 111 17.60 4.72 9.03
N HIS A 112 16.55 5.32 9.62
CA HIS A 112 16.62 6.71 10.04
C HIS A 112 15.78 6.87 11.31
N SER A 113 16.14 7.85 12.14
CA SER A 113 15.27 8.25 13.23
C SER A 113 14.27 9.28 12.69
N ILE A 114 12.99 9.08 13.03
CA ILE A 114 11.93 9.92 12.50
C ILE A 114 10.99 10.27 13.66
N GLY A 115 10.60 11.55 13.71
CA GLY A 115 9.71 12.10 14.72
C GLY A 115 8.27 11.61 14.58
N LEU A 116 7.62 11.40 15.73
CA LEU A 116 6.22 11.04 15.82
C LEU A 116 5.38 11.96 14.94
N ALA A 117 5.58 13.28 15.08
CA ALA A 117 4.83 14.27 14.33
C ALA A 117 4.90 14.01 12.82
N GLN A 118 6.01 13.37 12.39
CA GLN A 118 6.31 13.13 10.99
C GLN A 118 5.77 11.76 10.56
N LEU A 119 5.75 10.80 11.50
CA LEU A 119 5.11 9.52 11.24
C LEU A 119 3.62 9.73 11.05
N LEU A 120 3.05 10.67 11.81
CA LEU A 120 1.65 11.03 11.68
C LEU A 120 1.40 11.70 10.32
N LEU A 121 2.38 12.48 9.86
CA LEU A 121 2.23 13.23 8.62
C LEU A 121 2.24 12.27 7.43
N PHE A 122 3.09 11.24 7.52
CA PHE A 122 3.10 10.16 6.55
C PHE A 122 1.76 9.41 6.58
N ALA A 123 1.22 9.23 7.80
CA ALA A 123 -0.07 8.57 7.98
C ALA A 123 -1.16 9.40 7.28
N GLN A 124 -1.13 10.71 7.48
CA GLN A 124 -2.08 11.63 6.89
C GLN A 124 -2.10 11.47 5.36
N GLN A 125 -0.91 11.37 4.77
CA GLN A 125 -0.77 11.45 3.33
C GLN A 125 -1.25 10.12 2.73
N ILE A 126 -1.01 9.02 3.46
CA ILE A 126 -1.56 7.75 3.00
C ILE A 126 -3.08 7.86 2.93
N CYS A 127 -3.67 8.53 3.93
CA CYS A 127 -5.11 8.62 4.02
C CYS A 127 -5.69 9.49 2.90
N GLU A 128 -5.03 10.63 2.65
CA GLU A 128 -5.40 11.50 1.53
C GLU A 128 -5.46 10.69 0.24
N GLY A 129 -4.36 10.02 -0.13
CA GLY A 129 -4.32 9.20 -1.34
C GLY A 129 -5.36 8.08 -1.32
N MET A 130 -5.52 7.44 -0.16
CA MET A 130 -6.48 6.35 -0.08
C MET A 130 -7.90 6.89 -0.21
N ALA A 131 -8.16 8.07 0.36
CA ALA A 131 -9.46 8.71 0.21
C ALA A 131 -9.73 8.98 -1.27
N TYR A 132 -8.72 9.50 -1.96
CA TYR A 132 -8.87 9.78 -3.38
C TYR A 132 -9.17 8.50 -4.15
N LEU A 133 -8.33 7.47 -3.93
CA LEU A 133 -8.52 6.19 -4.58
C LEU A 133 -9.95 5.68 -4.35
N HIS A 134 -10.41 5.74 -3.10
CA HIS A 134 -11.76 5.30 -2.79
C HIS A 134 -12.80 6.11 -3.56
N SER A 135 -12.55 7.41 -3.72
CA SER A 135 -13.50 8.26 -4.43
C SER A 135 -13.57 7.87 -5.91
N GLN A 136 -12.47 7.35 -6.48
CA GLN A 136 -12.50 6.84 -7.85
C GLN A 136 -13.08 5.43 -7.92
N HIS A 137 -13.54 4.89 -6.79
CA HIS A 137 -14.22 3.60 -6.78
C HIS A 137 -13.25 2.43 -6.97
N TYR A 138 -11.99 2.59 -6.55
CA TYR A 138 -11.09 1.44 -6.51
C TYR A 138 -10.74 1.03 -5.09
N ILE A 139 -10.46 -0.27 -4.89
CA ILE A 139 -9.83 -0.73 -3.67
C ILE A 139 -8.38 -1.14 -3.96
N HIS A 140 -7.51 -1.07 -2.95
CA HIS A 140 -6.09 -1.30 -3.15
C HIS A 140 -5.73 -2.77 -2.90
N ARG A 141 -6.10 -3.28 -1.70
CA ARG A 141 -5.97 -4.67 -1.28
C ARG A 141 -4.53 -5.04 -1.04
N ASN A 142 -3.64 -4.05 -0.95
CA ASN A 142 -2.23 -4.40 -0.75
C ASN A 142 -1.50 -3.27 -0.01
N LEU A 143 -2.17 -2.69 0.99
CA LEU A 143 -1.66 -1.50 1.66
C LEU A 143 -0.82 -1.87 2.90
N ALA A 144 0.49 -1.73 2.71
CA ALA A 144 1.49 -2.01 3.72
C ALA A 144 2.64 -1.02 3.50
N ALA A 145 3.53 -0.91 4.52
CA ALA A 145 4.66 0.03 4.49
C ALA A 145 5.60 -0.29 3.33
N ARG A 146 5.66 -1.57 2.93
CA ARG A 146 6.53 -1.98 1.84
C ARG A 146 6.07 -1.40 0.50
N ASN A 147 4.83 -0.90 0.44
CA ASN A 147 4.26 -0.49 -0.83
C ASN A 147 3.93 1.01 -0.76
N VAL A 148 4.38 1.67 0.29
CA VAL A 148 4.29 3.12 0.34
C VAL A 148 5.69 3.69 0.14
N LEU A 149 5.84 4.55 -0.87
CA LEU A 149 7.16 5.06 -1.27
C LEU A 149 7.31 6.54 -0.91
N LEU A 150 8.58 6.98 -0.82
CA LEU A 150 8.92 8.35 -0.45
C LEU A 150 9.72 9.04 -1.57
N ASP A 151 9.24 10.22 -2.01
CA ASP A 151 9.95 11.05 -2.98
C ASP A 151 10.95 11.95 -2.25
N ASN A 152 11.61 12.85 -3.00
CA ASN A 152 12.75 13.61 -2.50
C ASN A 152 12.38 14.46 -1.28
N ASP A 153 11.19 15.08 -1.32
CA ASP A 153 10.76 16.01 -0.27
C ASP A 153 10.12 15.23 0.87
N ARG A 154 10.28 13.90 0.84
CA ARG A 154 9.67 12.99 1.81
C ARG A 154 8.14 13.04 1.69
N LEU A 155 7.65 13.23 0.45
CA LEU A 155 6.23 13.09 0.19
C LEU A 155 5.91 11.63 -0.06
N VAL A 156 4.75 11.20 0.45
CA VAL A 156 4.30 9.82 0.34
C VAL A 156 3.70 9.63 -1.06
N LYS A 157 4.08 8.50 -1.71
CA LYS A 157 3.42 8.04 -2.92
C LYS A 157 3.07 6.56 -2.74
N ILE A 158 1.76 6.25 -2.77
CA ILE A 158 1.30 4.86 -2.67
C ILE A 158 1.54 4.09 -3.98
N GLY A 159 2.00 2.84 -3.82
CA GLY A 159 2.48 2.05 -4.94
C GLY A 159 1.86 0.66 -4.99
N ASP A 160 2.46 -0.19 -5.84
CA ASP A 160 2.08 -1.56 -6.17
C ASP A 160 0.57 -1.72 -6.27
N PHE A 161 0.03 -1.51 -7.48
CA PHE A 161 -1.39 -1.67 -7.74
C PHE A 161 -1.69 -3.04 -8.32
N GLY A 162 -0.78 -3.99 -8.15
CA GLY A 162 -0.99 -5.36 -8.61
C GLY A 162 -2.30 -6.02 -8.15
N LEU A 163 -2.85 -5.65 -6.98
CA LEU A 163 -3.99 -6.42 -6.45
C LEU A 163 -5.25 -5.58 -6.48
N ALA A 164 -5.13 -4.35 -6.99
CA ALA A 164 -6.26 -3.42 -6.95
C ALA A 164 -7.41 -3.91 -7.84
N LYS A 165 -8.63 -3.49 -7.46
CA LYS A 165 -9.84 -3.79 -8.19
C LYS A 165 -10.73 -2.55 -8.24
N ALA A 166 -11.54 -2.46 -9.31
CA ALA A 166 -12.68 -1.55 -9.34
C ALA A 166 -13.86 -2.18 -8.59
N VAL A 167 -14.49 -1.37 -7.73
CA VAL A 167 -15.75 -1.74 -7.11
C VAL A 167 -16.85 -1.16 -7.98
N PRO A 168 -17.75 -1.99 -8.57
CA PRO A 168 -18.80 -1.46 -9.45
C PRO A 168 -19.70 -0.50 -8.69
N GLU A 169 -20.37 0.42 -9.40
CA GLU A 169 -21.13 1.50 -8.79
C GLU A 169 -22.26 0.93 -7.94
N GLY A 170 -22.39 1.43 -6.71
CA GLY A 170 -23.41 1.02 -5.73
C GLY A 170 -23.22 -0.40 -5.16
N HIS A 171 -21.99 -0.93 -5.18
CA HIS A 171 -21.63 -2.10 -4.38
C HIS A 171 -20.55 -1.68 -3.41
N GLU A 172 -20.36 -2.46 -2.34
CA GLU A 172 -19.51 -2.00 -1.26
C GLU A 172 -18.24 -2.86 -1.11
N TYR A 173 -18.21 -3.99 -1.83
CA TYR A 173 -17.10 -4.94 -1.79
C TYR A 173 -16.92 -5.59 -3.16
N TYR A 174 -15.84 -6.39 -3.27
CA TYR A 174 -15.50 -7.24 -4.40
C TYR A 174 -15.00 -8.57 -3.85
N ARG A 175 -15.36 -9.69 -4.52
CA ARG A 175 -15.01 -11.02 -4.05
C ARG A 175 -13.90 -11.58 -4.93
N VAL A 176 -12.77 -11.97 -4.33
CA VAL A 176 -11.65 -12.58 -5.04
C VAL A 176 -10.91 -13.56 -4.14
N ARG A 177 -10.66 -14.76 -4.66
CA ARG A 177 -9.78 -15.74 -4.04
C ARG A 177 -8.45 -15.72 -4.80
N GLU A 178 -7.42 -15.17 -4.15
CA GLU A 178 -6.10 -15.07 -4.75
C GLU A 178 -5.49 -16.47 -4.86
N ASP A 179 -4.90 -16.77 -6.01
CA ASP A 179 -4.35 -18.09 -6.27
C ASP A 179 -3.03 -18.25 -5.51
N GLY A 180 -2.28 -17.14 -5.39
CA GLY A 180 -0.99 -17.16 -4.73
C GLY A 180 -0.95 -16.26 -3.49
N ASP A 181 0.21 -15.65 -3.26
CA ASP A 181 0.54 -14.87 -2.08
C ASP A 181 -0.30 -13.57 -2.03
N SER A 182 -0.73 -13.21 -0.82
CA SER A 182 -1.33 -11.91 -0.55
C SER A 182 -1.02 -11.51 0.90
N PRO A 183 -1.09 -10.22 1.28
CA PRO A 183 -0.73 -9.81 2.63
C PRO A 183 -1.78 -10.14 3.68
N VAL A 184 -1.95 -11.43 3.99
CA VAL A 184 -2.99 -11.90 4.89
C VAL A 184 -2.81 -11.30 6.29
N PHE A 185 -1.57 -10.94 6.65
CA PHE A 185 -1.33 -10.30 7.93
C PHE A 185 -1.79 -8.84 7.93
N TRP A 186 -2.26 -8.37 6.78
CA TRP A 186 -2.72 -7.00 6.69
C TRP A 186 -4.22 -6.98 6.43
N TYR A 187 -4.83 -8.17 6.46
CA TYR A 187 -6.18 -8.33 5.93
C TYR A 187 -7.21 -8.43 7.06
N ALA A 188 -8.35 -7.78 6.84
CA ALA A 188 -9.49 -7.79 7.75
C ALA A 188 -10.15 -9.17 7.74
N PRO A 189 -10.83 -9.59 8.83
CA PRO A 189 -11.51 -10.91 8.87
C PRO A 189 -12.44 -11.26 7.72
N GLU A 190 -13.27 -10.31 7.28
CA GLU A 190 -14.15 -10.53 6.15
C GLU A 190 -13.37 -10.91 4.87
N CYS A 191 -12.06 -10.59 4.81
CA CYS A 191 -11.24 -10.92 3.65
C CYS A 191 -10.63 -12.32 3.79
N LEU A 192 -10.30 -12.68 5.04
CA LEU A 192 -9.64 -13.94 5.31
C LEU A 192 -10.69 -15.05 5.31
N LYS A 193 -11.93 -14.68 5.63
CA LYS A 193 -12.98 -15.67 5.89
C LYS A 193 -13.82 -15.89 4.64
N GLU A 194 -14.26 -14.79 4.00
CA GLU A 194 -15.27 -14.91 2.96
C GLU A 194 -14.76 -14.31 1.66
N TYR A 195 -13.49 -13.88 1.63
CA TYR A 195 -12.83 -13.35 0.45
C TYR A 195 -13.62 -12.17 -0.09
N LYS A 196 -14.23 -11.40 0.84
CA LYS A 196 -14.89 -10.15 0.52
C LYS A 196 -13.98 -8.99 0.87
N PHE A 197 -13.86 -8.03 -0.05
CA PHE A 197 -13.00 -6.86 0.11
C PHE A 197 -13.83 -5.58 0.01
N TYR A 198 -13.99 -4.88 1.15
CA TYR A 198 -14.72 -3.62 1.22
C TYR A 198 -13.74 -2.45 1.20
N TYR A 199 -14.25 -1.25 0.95
CA TYR A 199 -13.49 -0.04 1.20
C TYR A 199 -12.97 -0.11 2.64
N ALA A 200 -13.82 -0.58 3.55
CA ALA A 200 -13.47 -0.63 4.94
C ALA A 200 -12.32 -1.62 5.17
N SER A 201 -12.17 -2.58 4.23
CA SER A 201 -11.05 -3.51 4.34
C SER A 201 -9.71 -2.79 4.16
N ASP A 202 -9.63 -1.79 3.25
CA ASP A 202 -8.38 -1.05 3.13
C ASP A 202 -8.13 -0.20 4.37
N VAL A 203 -9.19 0.14 5.11
CA VAL A 203 -9.01 0.93 6.33
C VAL A 203 -8.32 0.08 7.38
N TRP A 204 -8.74 -1.18 7.52
CA TRP A 204 -8.05 -2.17 8.34
C TRP A 204 -6.57 -2.24 7.98
N SER A 205 -6.31 -2.48 6.68
CA SER A 205 -4.92 -2.58 6.22
C SER A 205 -4.17 -1.32 6.64
N PHE A 206 -4.79 -0.14 6.46
CA PHE A 206 -4.14 1.10 6.84
C PHE A 206 -3.87 1.15 8.35
N GLY A 207 -4.75 0.54 9.16
CA GLY A 207 -4.46 0.41 10.56
C GLY A 207 -3.19 -0.38 10.82
N VAL A 208 -3.03 -1.51 10.12
CA VAL A 208 -1.80 -2.28 10.27
C VAL A 208 -0.63 -1.42 9.80
N THR A 209 -0.83 -0.64 8.74
CA THR A 209 0.27 0.10 8.18
C THR A 209 0.73 1.15 9.19
N LEU A 210 -0.26 1.84 9.82
CA LEU A 210 -0.05 2.81 10.89
C LEU A 210 0.74 2.21 12.04
N TYR A 211 0.47 0.95 12.35
CA TYR A 211 1.27 0.21 13.32
C TYR A 211 2.72 0.07 12.86
N GLU A 212 2.96 -0.14 11.55
CA GLU A 212 4.33 -0.37 11.14
C GLU A 212 5.15 0.91 11.30
N LEU A 213 4.52 2.06 11.00
CA LEU A 213 5.20 3.33 11.10
C LEU A 213 5.64 3.57 12.55
N LEU A 214 4.71 3.32 13.48
CA LEU A 214 4.96 3.57 14.88
C LEU A 214 5.95 2.56 15.46
N THR A 215 6.09 1.37 14.85
CA THR A 215 7.14 0.45 15.26
C THR A 215 8.38 0.61 14.38
N HIS A 216 8.48 1.74 13.68
CA HIS A 216 9.67 2.06 12.89
C HIS A 216 10.02 0.92 11.93
N CYS A 217 9.00 0.15 11.54
CA CYS A 217 9.12 -1.08 10.78
C CYS A 217 10.22 -1.98 11.33
N ASP A 218 10.48 -1.94 12.64
CA ASP A 218 11.37 -2.94 13.19
C ASP A 218 10.82 -4.31 12.81
N SER A 219 11.71 -5.20 12.33
CA SER A 219 11.31 -6.48 11.77
C SER A 219 10.71 -7.38 12.83
N SER A 220 11.20 -7.23 14.07
CA SER A 220 10.79 -8.08 15.19
C SER A 220 9.52 -7.53 15.84
N GLN A 221 9.05 -6.38 15.37
CA GLN A 221 7.79 -5.81 15.83
C GLN A 221 6.71 -6.03 14.78
N SER A 222 7.11 -6.54 13.62
CA SER A 222 6.28 -6.52 12.42
C SER A 222 5.06 -7.43 12.58
N PRO A 223 3.94 -7.13 11.88
CA PRO A 223 2.68 -7.86 12.09
C PRO A 223 2.81 -9.38 11.99
N PRO A 224 3.51 -9.94 10.97
CA PRO A 224 3.66 -11.39 10.90
C PRO A 224 4.45 -11.91 12.10
N THR A 225 5.49 -11.17 12.50
CA THR A 225 6.24 -11.53 13.70
C THR A 225 5.26 -11.68 14.86
N LYS A 226 4.49 -10.62 15.13
CA LYS A 226 3.66 -10.58 16.32
C LYS A 226 2.49 -11.55 16.22
N PHE A 227 1.89 -11.72 15.03
CA PHE A 227 0.75 -12.61 14.91
C PHE A 227 1.18 -14.06 15.13
N LEU A 228 2.30 -14.45 14.50
CA LEU A 228 2.81 -15.80 14.55
C LEU A 228 3.19 -16.20 15.98
N GLU A 229 3.60 -15.22 16.80
CA GLU A 229 3.89 -15.50 18.19
C GLU A 229 2.65 -16.11 18.84
N LEU A 230 1.45 -15.66 18.46
CA LEU A 230 0.21 -16.08 19.09
C LEU A 230 -0.29 -17.38 18.50
N ILE A 231 0.50 -17.99 17.62
CA ILE A 231 0.08 -19.16 16.88
C ILE A 231 1.15 -20.26 17.02
N ALA A 234 2.51 -23.42 12.11
CA ALA A 234 1.71 -24.50 11.49
C ALA A 234 1.63 -24.29 9.98
N GLN A 235 0.74 -25.03 9.31
CA GLN A 235 0.63 -25.08 7.86
C GLN A 235 0.17 -23.72 7.32
N GLY A 236 0.35 -23.54 6.00
CA GLY A 236 0.04 -22.29 5.30
C GLY A 236 -1.39 -21.80 5.51
N GLN A 237 -2.35 -22.73 5.50
CA GLN A 237 -3.76 -22.37 5.53
C GLN A 237 -4.37 -22.63 6.90
N MET A 238 -3.69 -23.44 7.73
CA MET A 238 -4.07 -23.56 9.13
C MET A 238 -3.79 -22.24 9.86
N THR A 239 -2.61 -21.66 9.56
CA THR A 239 -2.20 -20.33 9.99
C THR A 239 -3.32 -19.32 9.77
N VAL A 240 -3.90 -19.31 8.57
CA VAL A 240 -4.91 -18.35 8.16
C VAL A 240 -6.20 -18.58 8.94
N LEU A 241 -6.59 -19.85 9.13
CA LEU A 241 -7.81 -20.12 9.86
C LEU A 241 -7.63 -19.73 11.32
N ARG A 242 -6.42 -19.95 11.86
CA ARG A 242 -6.12 -19.67 13.25
C ARG A 242 -6.13 -18.14 13.45
N LEU A 243 -5.42 -17.45 12.57
CA LEU A 243 -5.40 -15.99 12.52
C LEU A 243 -6.82 -15.43 12.45
N THR A 244 -7.69 -16.03 11.62
CA THR A 244 -9.05 -15.52 11.52
C THR A 244 -9.71 -15.65 12.90
N GLU A 245 -9.54 -16.83 13.49
CA GLU A 245 -10.17 -17.18 14.75
C GLU A 245 -9.77 -16.14 15.80
N LEU A 246 -8.47 -15.79 15.82
CA LEU A 246 -8.03 -14.92 16.89
C LEU A 246 -8.36 -13.46 16.62
N LEU A 247 -8.66 -13.10 15.36
CA LEU A 247 -9.13 -11.75 15.10
C LEU A 247 -10.59 -11.64 15.54
N GLU A 248 -11.35 -12.73 15.37
CA GLU A 248 -12.77 -12.76 15.67
C GLU A 248 -12.99 -12.79 17.18
N ARG A 249 -11.99 -13.26 17.92
CA ARG A 249 -12.06 -13.31 19.38
C ARG A 249 -11.73 -11.93 19.93
N GLY A 250 -11.06 -11.11 19.12
CA GLY A 250 -10.84 -9.72 19.47
C GLY A 250 -9.38 -9.41 19.76
N GLU A 251 -8.49 -10.38 19.49
CA GLU A 251 -7.09 -10.16 19.76
C GLU A 251 -6.48 -9.27 18.68
N ARG A 252 -5.51 -8.43 19.05
CA ARG A 252 -4.97 -7.43 18.16
C ARG A 252 -3.46 -7.27 18.38
N LEU A 253 -2.77 -6.70 17.38
CA LEU A 253 -1.41 -6.23 17.57
C LEU A 253 -1.36 -5.38 18.83
N PRO A 254 -0.23 -5.35 19.58
CA PRO A 254 -0.12 -4.54 20.79
C PRO A 254 0.20 -3.07 20.51
N ARG A 255 -0.06 -2.23 21.50
CA ARG A 255 0.32 -0.83 21.46
C ARG A 255 1.83 -0.75 21.20
N PRO A 256 2.29 -0.01 20.16
CA PRO A 256 3.72 0.22 19.98
C PRO A 256 4.27 0.96 21.19
N ASP A 257 5.50 0.62 21.57
CA ASP A 257 6.16 1.38 22.61
C ASP A 257 6.18 2.84 22.16
N LYS A 258 5.80 3.75 23.05
CA LYS A 258 6.03 5.17 22.84
C LYS A 258 4.93 5.75 21.94
N CYS A 259 3.96 4.91 21.57
CA CYS A 259 2.81 5.34 20.78
C CYS A 259 1.77 5.98 21.70
N PRO A 260 1.40 7.26 21.46
CA PRO A 260 0.34 7.93 22.22
C PRO A 260 -0.99 7.20 22.20
N CYS A 261 -1.76 7.38 23.28
CA CYS A 261 -2.98 6.63 23.53
C CYS A 261 -4.00 6.89 22.43
N GLU A 262 -4.21 8.16 22.10
CA GLU A 262 -5.16 8.63 21.11
C GLU A 262 -4.88 7.95 19.76
N VAL A 263 -3.58 7.76 19.45
CA VAL A 263 -3.18 7.15 18.19
C VAL A 263 -3.47 5.65 18.23
N TYR A 264 -3.28 5.03 19.40
CA TYR A 264 -3.60 3.62 19.51
C TYR A 264 -5.10 3.43 19.31
N HIS A 265 -5.89 4.44 19.72
CA HIS A 265 -7.35 4.37 19.63
C HIS A 265 -7.75 4.34 18.16
N LEU A 266 -7.11 5.23 17.39
CA LEU A 266 -7.28 5.28 15.95
C LEU A 266 -7.07 3.90 15.31
N MET A 267 -5.94 3.25 15.64
CA MET A 267 -5.62 1.96 15.05
C MET A 267 -6.71 0.97 15.40
N LYS A 268 -7.08 0.96 16.70
CA LYS A 268 -8.07 0.03 17.22
C LYS A 268 -9.37 0.21 16.44
N ASN A 269 -9.68 1.47 16.10
CA ASN A 269 -10.90 1.78 15.36
C ASN A 269 -10.81 1.20 13.95
N CYS A 270 -9.62 1.27 13.34
CA CYS A 270 -9.40 0.71 12.02
C CYS A 270 -9.51 -0.82 12.06
N TRP A 271 -9.38 -1.41 13.26
CA TRP A 271 -9.41 -2.86 13.41
C TRP A 271 -10.70 -3.35 14.09
N GLU A 272 -11.79 -2.57 13.96
CA GLU A 272 -13.08 -3.11 14.36
C GLU A 272 -13.34 -4.36 13.52
N THR A 273 -13.87 -5.42 14.18
CA THR A 273 -14.12 -6.69 13.54
C THR A 273 -15.11 -6.52 12.39
N GLU A 274 -16.18 -5.78 12.68
CA GLU A 274 -17.24 -5.54 11.72
C GLU A 274 -16.89 -4.27 10.95
N ALA A 275 -16.97 -4.36 9.62
CA ALA A 275 -16.45 -3.37 8.70
C ALA A 275 -17.20 -2.04 8.81
N SER A 276 -18.49 -2.10 9.19
CA SER A 276 -19.31 -0.90 9.22
C SER A 276 -18.92 -0.01 10.40
N PHE A 277 -18.18 -0.57 11.37
CA PHE A 277 -17.76 0.19 12.54
C PHE A 277 -16.50 1.01 12.22
N ARG A 278 -15.71 0.58 11.23
CA ARG A 278 -14.44 1.25 10.97
C ARG A 278 -14.71 2.66 10.43
N PRO A 279 -13.82 3.65 10.73
CA PRO A 279 -13.90 4.96 10.12
C PRO A 279 -13.44 4.85 8.66
N THR A 280 -13.75 5.89 7.88
CA THR A 280 -13.44 5.93 6.46
C THR A 280 -12.16 6.74 6.30
N PHE A 281 -11.48 6.62 5.16
CA PHE A 281 -10.30 7.44 4.98
C PHE A 281 -10.68 8.93 5.01
N GLU A 282 -11.86 9.26 4.46
CA GLU A 282 -12.31 10.64 4.41
CA GLU A 282 -12.31 10.64 4.41
C GLU A 282 -12.44 11.16 5.84
N ASN A 283 -12.91 10.28 6.74
CA ASN A 283 -13.04 10.60 8.16
C ASN A 283 -11.66 10.81 8.79
N LEU A 284 -10.65 10.07 8.34
CA LEU A 284 -9.39 9.95 9.05
C LEU A 284 -8.53 11.20 8.85
N ILE A 285 -8.64 11.84 7.68
CA ILE A 285 -7.81 13.01 7.39
C ILE A 285 -7.89 14.05 8.51
N PRO A 286 -9.09 14.60 8.88
CA PRO A 286 -9.16 15.59 9.95
C PRO A 286 -8.51 15.10 11.23
N ILE A 287 -8.83 13.86 11.63
CA ILE A 287 -8.43 13.29 12.91
C ILE A 287 -6.91 13.23 13.01
N LEU A 288 -6.28 12.82 11.90
CA LEU A 288 -4.83 12.76 11.83
C LEU A 288 -4.22 14.15 11.83
N LYS A 289 -4.89 15.11 11.21
CA LYS A 289 -4.42 16.49 11.20
C LYS A 289 -4.43 17.04 12.62
N THR A 290 -5.52 16.79 13.36
CA THR A 290 -5.71 17.20 14.74
C THR A 290 -4.58 16.71 15.64
N VAL A 291 -4.28 15.40 15.56
CA VAL A 291 -3.30 14.74 16.41
C VAL A 291 -1.88 15.11 15.96
N HIS A 292 -1.74 15.62 14.73
CA HIS A 292 -0.45 15.90 14.12
C HIS A 292 0.22 17.11 14.81
N GLU A 293 -0.60 18.06 15.29
CA GLU A 293 -0.10 19.22 16.02
C GLU A 293 0.26 18.81 17.45
N LYS A 294 -0.64 18.06 18.08
CA LYS A 294 -0.53 17.61 19.46
C LYS A 294 0.33 16.35 19.53
C4 N9G B . 15.58 0.36 -3.33
C6 N9G B . 14.67 1.32 -4.04
C7 N9G B . 14.91 2.72 -4.00
C8 N9G B . 14.05 3.56 -4.67
C13 N9G B . 9.37 1.44 -6.93
C15 N9G B . 9.15 3.54 -8.12
C20 N9G B . 7.43 -1.63 -6.26
C21 N9G B . 6.32 -2.23 -7.04
C24 N9G B . 5.74 -1.01 -4.31
C26 N9G B . 7.63 -0.23 -6.78
C1 N9G B . 16.17 -1.11 -1.45
N2 N9G B . 15.26 -0.17 -2.11
C3 N9G B . 14.01 0.19 -1.42
O5 N9G B . 16.61 0.04 -3.87
C9 N9G B . 12.96 2.98 -5.36
N10 N9G B . 12.06 3.81 -6.06
C11 N9G B . 10.92 3.27 -6.65
C12 N9G B . 10.49 1.98 -6.31
C14 N9G B . 8.68 2.26 -7.85
N16 N9G B . 10.24 4.01 -7.52
N17 N9G B . 8.90 0.17 -6.60
C18 N9G B . 9.66 -0.93 -5.91
C19 N9G B . 8.86 -2.23 -6.27
N22 N9G B . 5.38 -2.63 -7.57
C23 N9G B . 7.06 -1.62 -4.76
C25 N9G B . 5.95 -2.55 -4.24
O27 N9G B . 6.73 0.40 -7.29
N28 N9G B . 12.76 1.66 -5.38
C29 N9G B . 13.56 0.82 -4.76
#